data_3P8B
#
_entry.id   3P8B
#
_cell.length_a   40.532
_cell.length_b   87.213
_cell.length_c   133.107
_cell.angle_alpha   90.00
_cell.angle_beta   90.00
_cell.angle_gamma   90.00
#
_symmetry.space_group_name_H-M   'P 2 21 21'
#
loop_
_entity.id
_entity.type
_entity.pdbx_description
1 polymer "DNA-directed RNA polymerase, subunit e''"
2 polymer 'Transcription antitermination protein nusG'
3 non-polymer 'ZINC ION'
4 non-polymer BETA-MERCAPTOETHANOL
5 non-polymer GLYCEROL
6 water water
#
loop_
_entity_poly.entity_id
_entity_poly.type
_entity_poly.pdbx_seq_one_letter_code
_entity_poly.pdbx_strand_id
1 'polypeptide(L)'
;MGSSHHHHHHSSGLVPRGSHMSEKACRHCHYITSEDRCPVCGSRDLSEEWFDLVIIVDVENSEIAKKIGAKVPGKYAIRV
R
;
A,C
2 'polypeptide(L)'
;MAGKIFAVRVTHGQEETTAKLIYSKVRTYNLPIYAILAPSRVKGYIFVEAPNKGVVDEAIRGIRHARGVLPGEVPFKEIE
HFLEEKPAVSGLEPGDLVEVIAGPFKGQKAKVVKIDESKDEVVVQFIDAIVPIPVTIKGDYVRLISKLQKEE
;
B,D
#
# COMPACT_ATOMS: atom_id res chain seq x y z
N SER A 22 22.25 -0.50 -3.90
CA SER A 22 20.82 -0.07 -3.72
C SER A 22 20.28 0.56 -5.02
N GLU A 23 19.10 0.11 -5.45
CA GLU A 23 18.55 0.38 -6.78
C GLU A 23 17.43 1.43 -6.70
N LYS A 24 17.67 2.61 -7.25
CA LYS A 24 16.68 3.67 -7.19
C LYS A 24 16.02 3.95 -8.55
N ALA A 25 14.73 4.26 -8.56
CA ALA A 25 14.03 4.58 -9.80
C ALA A 25 13.87 6.06 -9.91
N CYS A 26 14.05 6.53 -11.13
CA CYS A 26 13.80 7.92 -11.44
C CYS A 26 12.30 8.30 -11.57
N ARG A 27 11.86 9.38 -10.90
CA ARG A 27 10.40 9.67 -10.86
C ARG A 27 9.96 10.26 -12.19
N HIS A 28 10.92 10.83 -12.87
CA HIS A 28 10.70 11.53 -14.15
C HIS A 28 10.70 10.63 -15.39
N CYS A 29 11.69 9.75 -15.59
CA CYS A 29 11.65 8.84 -16.79
C CYS A 29 11.68 7.34 -16.47
N HIS A 30 11.68 7.02 -15.18
CA HIS A 30 11.51 5.68 -14.61
C HIS A 30 12.75 4.75 -14.76
N TYR A 31 13.90 5.23 -15.25
CA TYR A 31 15.09 4.40 -15.29
C TYR A 31 15.58 4.08 -13.90
N ILE A 32 16.23 2.93 -13.78
CA ILE A 32 16.77 2.46 -12.53
C ILE A 32 18.27 2.64 -12.60
N THR A 33 18.81 3.15 -11.50
CA THR A 33 20.24 3.52 -11.44
C THR A 33 20.76 3.29 -10.03
N SER A 34 22.04 2.95 -9.93
CA SER A 34 22.56 2.76 -8.57
C SER A 34 23.10 4.06 -7.97
N GLU A 35 23.50 4.99 -8.85
CA GLU A 35 24.07 6.27 -8.50
C GLU A 35 23.04 7.37 -8.18
N ASP A 36 23.53 8.60 -7.99
CA ASP A 36 22.82 9.69 -7.31
C ASP A 36 22.14 10.69 -8.24
N ARG A 37 22.44 10.63 -9.52
CA ARG A 37 21.54 11.22 -10.54
C ARG A 37 21.19 10.22 -11.65
N CYS A 38 19.99 10.37 -12.21
CA CYS A 38 19.50 9.57 -13.35
C CYS A 38 20.38 9.74 -14.60
N PRO A 39 20.94 8.62 -15.14
CA PRO A 39 21.92 8.77 -16.22
C PRO A 39 21.31 9.03 -17.58
N VAL A 40 19.97 8.95 -17.67
CA VAL A 40 19.24 9.20 -18.88
C VAL A 40 18.63 10.61 -18.96
N CYS A 41 17.88 11.05 -17.94
CA CYS A 41 17.32 12.41 -17.97
C CYS A 41 18.04 13.48 -17.12
N GLY A 42 18.97 13.06 -16.24
CA GLY A 42 19.63 13.99 -15.35
C GLY A 42 19.03 14.26 -13.98
N SER A 43 17.78 13.85 -13.74
CA SER A 43 17.05 14.17 -12.51
C SER A 43 17.73 13.59 -11.26
N ARG A 44 17.60 14.32 -10.15
CA ARG A 44 18.09 13.85 -8.86
C ARG A 44 16.94 13.26 -8.09
N ASP A 45 15.76 13.28 -8.69
CA ASP A 45 14.59 12.84 -7.98
C ASP A 45 14.43 11.28 -8.05
N LEU A 46 15.28 10.58 -7.33
CA LEU A 46 15.32 9.13 -7.37
C LEU A 46 14.70 8.52 -6.11
N SER A 47 14.03 7.38 -6.23
CA SER A 47 13.38 6.78 -5.08
C SER A 47 13.79 5.34 -4.88
N GLU A 48 14.07 4.99 -3.63
CA GLU A 48 14.39 3.61 -3.25
C GLU A 48 13.12 2.81 -3.26
N GLU A 49 11.98 3.50 -3.37
CA GLU A 49 10.65 2.93 -3.34
C GLU A 49 10.00 2.81 -4.74
N TRP A 50 9.95 1.57 -5.28
CA TRP A 50 9.45 1.35 -6.65
C TRP A 50 8.99 -0.06 -6.88
N PHE A 51 8.12 -0.29 -7.87
CA PHE A 51 7.55 -1.61 -8.04
C PHE A 51 7.50 -1.93 -9.55
N ASP A 52 7.43 -3.23 -9.88
CA ASP A 52 7.30 -3.73 -11.27
C ASP A 52 8.50 -3.42 -12.13
N LEU A 53 9.41 -4.39 -12.20
CA LEU A 53 10.68 -4.22 -12.86
C LEU A 53 10.43 -4.51 -14.35
N VAL A 54 10.75 -3.56 -15.21
CA VAL A 54 10.80 -3.87 -16.63
C VAL A 54 12.23 -3.74 -17.13
N ILE A 55 12.63 -4.67 -17.98
CA ILE A 55 13.99 -4.53 -18.61
C ILE A 55 13.82 -4.44 -20.12
N ILE A 56 14.28 -3.36 -20.72
CA ILE A 56 14.10 -3.21 -22.15
C ILE A 56 15.43 -3.53 -22.81
N VAL A 57 15.45 -4.51 -23.71
CA VAL A 57 16.72 -4.96 -24.35
C VAL A 57 16.78 -4.29 -25.72
N ASP A 58 15.66 -4.29 -26.42
CA ASP A 58 15.65 -3.84 -27.79
C ASP A 58 14.53 -2.85 -27.92
N VAL A 59 14.89 -1.58 -27.96
CA VAL A 59 13.94 -0.49 -27.93
C VAL A 59 13.14 -0.46 -29.21
N GLU A 60 13.82 -0.73 -30.34
CA GLU A 60 13.25 -0.70 -31.69
C GLU A 60 12.16 -1.77 -31.82
N ASN A 61 12.46 -2.98 -31.32
CA ASN A 61 11.53 -4.13 -31.49
C ASN A 61 10.46 -4.34 -30.43
N SER A 62 10.66 -3.70 -29.29
CA SER A 62 9.82 -3.98 -28.11
C SER A 62 8.48 -3.24 -28.07
N GLU A 63 7.36 -3.95 -28.06
CA GLU A 63 6.09 -3.33 -27.79
C GLU A 63 5.96 -2.84 -26.33
N ILE A 64 6.57 -3.56 -25.38
CA ILE A 64 6.66 -3.01 -23.99
C ILE A 64 7.28 -1.62 -24.02
N ALA A 65 8.41 -1.47 -24.70
CA ALA A 65 9.14 -0.22 -24.66
C ALA A 65 8.31 0.92 -25.22
N LYS A 66 7.69 0.67 -26.39
CA LYS A 66 6.80 1.64 -27.08
C LYS A 66 5.63 1.99 -26.17
N LYS A 67 4.98 0.97 -25.62
CA LYS A 67 3.93 1.26 -24.66
C LYS A 67 4.37 2.14 -23.46
N ILE A 68 5.53 1.87 -22.83
CA ILE A 68 5.90 2.73 -21.72
C ILE A 68 6.69 3.95 -22.16
N GLY A 69 6.99 4.05 -23.44
CA GLY A 69 7.79 5.15 -23.97
C GLY A 69 9.23 5.08 -23.50
N ALA A 70 9.79 3.86 -23.34
CA ALA A 70 11.26 3.73 -23.06
C ALA A 70 12.08 3.90 -24.35
N LYS A 71 13.13 4.73 -24.28
CA LYS A 71 13.97 5.14 -25.41
C LYS A 71 15.36 4.54 -25.23
N VAL A 72 15.66 4.10 -24.01
CA VAL A 72 17.04 3.67 -23.76
C VAL A 72 16.98 2.22 -23.18
N PRO A 73 17.77 1.29 -23.73
CA PRO A 73 17.86 -0.04 -23.18
C PRO A 73 18.24 -0.01 -21.70
N GLY A 74 17.56 -0.82 -20.89
CA GLY A 74 17.93 -1.02 -19.50
C GLY A 74 16.78 -1.31 -18.54
N LYS A 75 17.01 -1.06 -17.26
CA LYS A 75 16.07 -1.37 -16.18
C LYS A 75 15.18 -0.16 -15.94
N TYR A 76 13.87 -0.40 -15.80
CA TYR A 76 12.91 0.64 -15.48
C TYR A 76 11.94 0.11 -14.43
N ALA A 77 11.33 1.03 -13.66
CA ALA A 77 10.31 0.64 -12.74
C ALA A 77 9.02 1.23 -13.29
N ILE A 78 7.90 0.52 -13.19
CA ILE A 78 6.61 1.11 -13.67
C ILE A 78 6.02 2.09 -12.66
N ARG A 79 5.91 1.66 -11.43
CA ARG A 79 5.35 2.49 -10.35
C ARG A 79 6.50 2.96 -9.49
N VAL A 80 6.76 4.26 -9.53
CA VAL A 80 7.72 4.91 -8.66
C VAL A 80 6.96 5.64 -7.55
N ARG A 81 7.28 5.26 -6.32
CA ARG A 81 6.51 5.74 -5.15
C ARG A 81 7.48 6.34 -4.11
N ALA B 2 7.73 -5.71 -32.53
CA ALA B 2 6.79 -6.28 -31.52
C ALA B 2 7.00 -7.78 -31.50
N GLY B 3 7.40 -8.29 -30.33
CA GLY B 3 7.57 -9.72 -30.17
C GLY B 3 6.24 -10.13 -29.63
N LYS B 4 6.11 -11.39 -29.32
CA LYS B 4 4.96 -11.93 -28.68
C LYS B 4 5.36 -11.99 -27.15
N ILE B 5 4.35 -12.04 -26.27
CA ILE B 5 4.53 -12.12 -24.79
C ILE B 5 4.46 -13.55 -24.28
N PHE B 6 5.51 -14.07 -23.67
CA PHE B 6 5.43 -15.43 -23.06
C PHE B 6 5.57 -15.41 -21.53
N ALA B 7 4.75 -16.18 -20.85
CA ALA B 7 4.86 -16.31 -19.40
C ALA B 7 5.95 -17.34 -19.08
N VAL B 8 6.85 -17.03 -18.15
CA VAL B 8 7.89 -17.94 -17.72
C VAL B 8 7.72 -18.27 -16.21
N ARG B 9 7.70 -19.56 -15.89
CA ARG B 9 7.46 -20.02 -14.54
C ARG B 9 8.78 -19.81 -13.83
N VAL B 10 8.74 -19.26 -12.61
CA VAL B 10 9.91 -19.09 -11.80
C VAL B 10 9.62 -19.46 -10.35
N THR B 11 10.68 -19.74 -9.60
CA THR B 11 10.54 -19.91 -8.15
C THR B 11 9.95 -18.68 -7.51
N HIS B 12 8.94 -18.89 -6.67
CA HIS B 12 8.41 -17.77 -5.83
C HIS B 12 9.49 -16.93 -5.14
N GLY B 13 9.33 -15.61 -5.16
CA GLY B 13 10.35 -14.74 -4.57
C GLY B 13 11.50 -14.49 -5.51
N GLN B 14 11.61 -15.31 -6.56
CA GLN B 14 12.74 -15.16 -7.48
C GLN B 14 12.49 -14.38 -8.80
N GLU B 15 11.40 -13.60 -8.85
CA GLU B 15 10.98 -12.98 -10.10
C GLU B 15 12.05 -12.01 -10.60
N GLU B 16 12.47 -11.07 -9.76
CA GLU B 16 13.37 -10.01 -10.20
C GLU B 16 14.75 -10.61 -10.41
N THR B 17 15.11 -11.56 -9.56
CA THR B 17 16.45 -12.06 -9.63
C THR B 17 16.66 -12.87 -10.94
N THR B 18 15.66 -13.69 -11.24
CA THR B 18 15.56 -14.41 -12.49
C THR B 18 15.49 -13.50 -13.76
N ALA B 19 14.68 -12.44 -13.77
CA ALA B 19 14.64 -11.48 -14.88
C ALA B 19 16.07 -11.02 -15.20
N LYS B 20 16.73 -10.65 -14.15
CA LYS B 20 18.08 -10.04 -14.20
C LYS B 20 19.13 -11.07 -14.74
N LEU B 21 18.99 -12.33 -14.36
CA LEU B 21 19.94 -13.36 -14.84
C LEU B 21 19.66 -13.63 -16.28
N ILE B 22 18.40 -13.77 -16.63
CA ILE B 22 18.09 -13.87 -18.07
C ILE B 22 18.65 -12.70 -18.83
N TYR B 23 18.59 -11.50 -18.26
CA TYR B 23 19.03 -10.29 -19.01
C TYR B 23 20.55 -10.33 -19.23
N SER B 24 21.27 -10.72 -18.19
CA SER B 24 22.70 -10.95 -18.32
C SER B 24 23.13 -11.91 -19.50
N LYS B 25 22.45 -13.06 -19.60
CA LYS B 25 22.69 -14.08 -20.62
C LYS B 25 22.31 -13.51 -21.99
N VAL B 26 21.13 -12.88 -22.07
CA VAL B 26 20.71 -12.17 -23.29
C VAL B 26 21.79 -11.22 -23.77
N ARG B 27 22.41 -10.46 -22.87
CA ARG B 27 23.44 -9.54 -23.28
C ARG B 27 24.75 -10.23 -23.73
N THR B 28 25.08 -11.32 -23.10
CA THR B 28 26.31 -12.03 -23.39
C THR B 28 26.28 -12.73 -24.73
N TYR B 29 25.11 -13.24 -25.13
CA TYR B 29 24.93 -14.02 -26.34
C TYR B 29 24.10 -13.35 -27.36
N ASN B 30 23.77 -12.09 -27.12
CA ASN B 30 23.04 -11.33 -28.11
C ASN B 30 21.73 -12.00 -28.44
N LEU B 31 21.06 -12.60 -27.45
CA LEU B 31 19.74 -13.29 -27.71
C LEU B 31 18.62 -12.33 -28.14
N PRO B 32 17.81 -12.76 -29.08
CA PRO B 32 16.84 -11.80 -29.63
C PRO B 32 15.62 -11.77 -28.67
N ILE B 33 15.86 -11.34 -27.44
CA ILE B 33 14.78 -11.02 -26.52
C ILE B 33 14.64 -9.52 -26.49
N TYR B 34 13.41 -8.99 -26.63
CA TYR B 34 13.15 -7.58 -26.71
C TYR B 34 12.93 -6.95 -25.37
N ALA B 35 12.26 -7.69 -24.45
CA ALA B 35 12.02 -7.12 -23.10
C ALA B 35 11.63 -8.18 -22.14
N ILE B 36 11.75 -7.78 -20.87
CA ILE B 36 11.33 -8.61 -19.80
C ILE B 36 10.58 -7.81 -18.73
N LEU B 37 9.57 -8.45 -18.14
CA LEU B 37 8.66 -7.79 -17.20
C LEU B 37 8.38 -8.69 -16.01
N ALA B 38 8.69 -8.15 -14.80
CA ALA B 38 8.45 -8.87 -13.52
C ALA B 38 7.58 -7.96 -12.67
N PRO B 39 6.23 -8.09 -12.78
CA PRO B 39 5.26 -7.20 -12.03
C PRO B 39 5.32 -7.55 -10.60
N SER B 40 5.28 -6.58 -9.69
CA SER B 40 5.44 -6.93 -8.25
C SER B 40 4.20 -7.66 -7.80
N ARG B 41 3.09 -7.50 -8.50
CA ARG B 41 1.82 -8.21 -8.17
C ARG B 41 1.71 -9.62 -8.77
N VAL B 42 2.74 -10.09 -9.42
CA VAL B 42 2.67 -11.50 -9.98
C VAL B 42 3.76 -12.25 -9.35
N LYS B 43 3.36 -13.27 -8.68
CA LYS B 43 4.30 -14.07 -7.94
C LYS B 43 4.51 -15.44 -8.66
N GLY B 44 5.76 -15.95 -8.82
CA GLY B 44 6.00 -17.26 -9.50
C GLY B 44 6.01 -17.24 -11.08
N TYR B 45 5.82 -16.09 -11.69
CA TYR B 45 5.85 -15.96 -13.19
C TYR B 45 6.53 -14.64 -13.51
N ILE B 46 7.29 -14.56 -14.60
CA ILE B 46 7.65 -13.29 -15.26
C ILE B 46 7.23 -13.39 -16.74
N PHE B 47 7.36 -12.32 -17.50
CA PHE B 47 7.00 -12.33 -18.90
C PHE B 47 8.20 -11.89 -19.71
N VAL B 48 8.32 -12.43 -20.93
CA VAL B 48 9.49 -12.17 -21.74
C VAL B 48 8.94 -11.90 -23.11
N GLU B 49 9.33 -10.77 -23.70
CA GLU B 49 8.77 -10.46 -25.01
C GLU B 49 9.79 -10.94 -25.99
N ALA B 50 9.38 -11.83 -26.94
CA ALA B 50 10.31 -12.36 -27.95
C ALA B 50 9.61 -12.69 -29.28
N PRO B 51 10.40 -12.88 -30.39
CA PRO B 51 9.78 -13.14 -31.71
C PRO B 51 9.03 -14.47 -31.68
N ASN B 52 9.57 -15.48 -31.01
CA ASN B 52 8.86 -16.77 -30.91
C ASN B 52 9.19 -17.46 -29.58
N LYS B 53 8.45 -18.51 -29.22
CA LYS B 53 8.68 -19.28 -27.98
C LYS B 53 10.04 -19.97 -27.82
N GLY B 54 10.65 -20.45 -28.92
CA GLY B 54 11.94 -21.18 -28.78
C GLY B 54 13.10 -20.28 -28.32
N VAL B 55 13.00 -19.02 -28.68
CA VAL B 55 14.00 -18.01 -28.27
C VAL B 55 13.99 -17.87 -26.68
N VAL B 56 12.82 -17.94 -26.08
CA VAL B 56 12.68 -17.92 -24.61
C VAL B 56 13.14 -19.22 -23.99
N ASP B 57 12.72 -20.37 -24.54
CA ASP B 57 13.18 -21.66 -24.05
C ASP B 57 14.67 -21.63 -24.02
N GLU B 58 15.30 -21.10 -25.09
CA GLU B 58 16.76 -21.06 -25.14
C GLU B 58 17.40 -20.17 -24.08
N ALA B 59 16.95 -18.92 -24.02
CA ALA B 59 17.36 -17.93 -23.01
C ALA B 59 17.28 -18.39 -21.56
N ILE B 60 16.29 -19.23 -21.22
CA ILE B 60 16.16 -19.66 -19.81
C ILE B 60 17.01 -20.87 -19.45
N ARG B 61 17.56 -21.56 -20.45
CA ARG B 61 18.50 -22.67 -20.18
C ARG B 61 19.76 -22.24 -19.38
N GLY B 62 20.05 -22.98 -18.35
CA GLY B 62 21.17 -22.67 -17.46
C GLY B 62 20.73 -21.68 -16.40
N ILE B 63 19.44 -21.35 -16.35
CA ILE B 63 19.02 -20.34 -15.36
C ILE B 63 18.28 -21.04 -14.23
N ARG B 64 18.91 -21.05 -13.08
CA ARG B 64 18.54 -21.98 -12.02
C ARG B 64 17.08 -21.91 -11.57
N HIS B 65 16.53 -20.70 -11.44
CA HIS B 65 15.17 -20.49 -10.91
C HIS B 65 14.04 -20.40 -11.95
N ALA B 66 14.36 -20.49 -13.24
CA ALA B 66 13.29 -20.59 -14.28
C ALA B 66 12.85 -22.04 -14.50
N ARG B 67 11.54 -22.28 -14.50
CA ARG B 67 10.94 -23.59 -14.59
C ARG B 67 10.26 -23.93 -15.91
N GLY B 68 10.29 -23.04 -16.91
CA GLY B 68 9.67 -23.35 -18.23
C GLY B 68 8.77 -22.26 -18.73
N VAL B 69 8.42 -22.36 -20.01
CA VAL B 69 7.69 -21.30 -20.69
C VAL B 69 6.31 -21.81 -21.02
N LEU B 70 5.26 -21.11 -20.60
CA LEU B 70 3.92 -21.50 -21.03
C LEU B 70 3.86 -21.44 -22.57
N PRO B 71 3.35 -22.51 -23.24
CA PRO B 71 3.34 -22.46 -24.74
C PRO B 71 2.47 -21.33 -25.38
N GLY B 72 1.31 -21.05 -24.77
CA GLY B 72 0.31 -20.11 -25.31
C GLY B 72 0.74 -18.70 -24.97
N GLU B 73 0.93 -17.89 -25.98
CA GLU B 73 1.39 -16.52 -25.78
C GLU B 73 0.33 -15.71 -25.08
N VAL B 74 0.78 -14.64 -24.43
CA VAL B 74 -0.11 -13.89 -23.59
C VAL B 74 -0.55 -12.75 -24.44
N PRO B 75 -1.84 -12.59 -24.67
CA PRO B 75 -2.10 -11.40 -25.49
C PRO B 75 -1.54 -10.10 -24.86
N PHE B 76 -1.11 -9.16 -25.68
CA PHE B 76 -0.61 -7.90 -25.18
C PHE B 76 -1.56 -7.19 -24.23
N LYS B 77 -2.87 -7.28 -24.47
CA LYS B 77 -3.78 -6.62 -23.57
C LYS B 77 -3.78 -7.13 -22.17
N GLU B 78 -3.41 -8.37 -21.97
CA GLU B 78 -3.40 -8.91 -20.64
C GLU B 78 -2.16 -8.55 -19.82
N ILE B 79 -1.14 -7.91 -20.42
CA ILE B 79 -0.07 -7.31 -19.62
C ILE B 79 -0.13 -5.78 -19.50
N GLU B 80 -1.03 -5.14 -20.26
CA GLU B 80 -1.07 -3.68 -20.28
C GLU B 80 -1.35 -3.09 -18.92
N HIS B 81 -2.13 -3.79 -18.10
CA HIS B 81 -2.51 -3.26 -16.81
C HIS B 81 -1.36 -3.39 -15.79
N PHE B 82 -0.25 -3.95 -16.23
CA PHE B 82 1.03 -3.94 -15.45
C PHE B 82 1.89 -2.82 -15.93
N LEU B 83 1.39 -2.02 -16.85
CA LEU B 83 2.33 -1.16 -17.52
C LEU B 83 2.05 0.31 -17.37
N GLU B 84 1.15 0.69 -16.49
CA GLU B 84 0.69 2.09 -16.42
C GLU B 84 1.57 2.86 -15.46
N GLU B 85 2.34 3.81 -15.98
CA GLU B 85 3.32 4.57 -15.18
C GLU B 85 2.70 5.78 -14.44
N LYS B 86 1.46 6.13 -14.81
CA LYS B 86 0.85 7.35 -14.31
C LYS B 86 0.25 7.22 -12.92
N PRO B 87 0.69 8.09 -11.99
CA PRO B 87 0.04 8.13 -10.71
C PRO B 87 -1.47 8.27 -10.89
N ALA B 88 -2.20 7.47 -10.16
CA ALA B 88 -3.64 7.64 -10.07
C ALA B 88 -4.06 9.06 -9.59
N VAL B 89 -3.24 9.80 -8.83
CA VAL B 89 -3.62 11.21 -8.43
C VAL B 89 -3.48 12.28 -9.55
N SER B 90 -2.70 12.00 -10.59
CA SER B 90 -2.53 12.97 -11.69
C SER B 90 -3.83 13.60 -12.17
N GLY B 91 -3.80 14.93 -12.28
CA GLY B 91 -5.01 15.64 -12.60
C GLY B 91 -5.79 16.15 -11.40
N LEU B 92 -5.56 15.61 -10.21
CA LEU B 92 -6.30 16.14 -9.06
C LEU B 92 -5.66 17.44 -8.58
N GLU B 93 -6.52 18.39 -8.23
CA GLU B 93 -6.10 19.71 -7.75
C GLU B 93 -6.80 20.10 -6.42
N PRO B 94 -6.15 20.95 -5.55
CA PRO B 94 -6.86 21.44 -4.38
C PRO B 94 -8.24 21.92 -4.74
N GLY B 95 -9.24 21.52 -3.97
CA GLY B 95 -10.60 21.92 -4.20
C GLY B 95 -11.48 21.00 -5.02
N ASP B 96 -10.91 20.15 -5.85
CA ASP B 96 -11.65 19.13 -6.57
C ASP B 96 -12.46 18.32 -5.60
N LEU B 97 -13.52 17.73 -6.11
CA LEU B 97 -14.39 16.87 -5.32
C LEU B 97 -14.22 15.42 -5.75
N VAL B 98 -14.04 14.54 -4.76
CA VAL B 98 -13.83 13.13 -5.08
C VAL B 98 -14.69 12.29 -4.18
N GLU B 99 -14.82 11.04 -4.59
CA GLU B 99 -15.43 9.97 -3.84
C GLU B 99 -14.32 8.95 -3.52
N VAL B 100 -14.32 8.47 -2.28
CA VAL B 100 -13.51 7.31 -1.90
C VAL B 100 -14.27 6.08 -2.29
N ILE B 101 -13.58 5.16 -2.99
CA ILE B 101 -14.29 4.03 -3.62
C ILE B 101 -13.89 2.65 -3.10
N ALA B 102 -12.94 2.61 -2.19
CA ALA B 102 -12.45 1.32 -1.66
C ALA B 102 -11.94 1.67 -0.26
N GLY B 103 -11.81 0.65 0.59
CA GLY B 103 -11.26 0.84 1.94
C GLY B 103 -12.26 1.40 2.94
N PRO B 104 -11.81 1.71 4.14
CA PRO B 104 -12.71 2.10 5.24
C PRO B 104 -13.62 3.31 4.90
N PHE B 105 -13.11 4.29 4.17
CA PHE B 105 -13.90 5.50 3.80
C PHE B 105 -14.73 5.40 2.54
N LYS B 106 -14.97 4.17 2.09
CA LYS B 106 -15.65 3.90 0.84
C LYS B 106 -17.04 4.52 0.83
N GLY B 107 -17.39 5.23 -0.26
CA GLY B 107 -18.70 5.84 -0.38
C GLY B 107 -18.70 7.28 0.09
N GLN B 108 -17.71 7.66 0.87
CA GLN B 108 -17.68 9.03 1.37
C GLN B 108 -17.10 10.01 0.38
N LYS B 109 -17.58 11.23 0.40
CA LYS B 109 -17.13 12.25 -0.52
C LYS B 109 -16.24 13.23 0.19
N ALA B 110 -15.31 13.80 -0.54
CA ALA B 110 -14.37 14.64 0.09
C ALA B 110 -13.88 15.67 -0.85
N LYS B 111 -13.21 16.65 -0.28
CA LYS B 111 -12.61 17.70 -1.05
C LYS B 111 -11.08 17.54 -1.00
N VAL B 112 -10.45 17.64 -2.16
CA VAL B 112 -8.99 17.58 -2.26
C VAL B 112 -8.30 18.77 -1.56
N VAL B 113 -7.40 18.44 -0.67
CA VAL B 113 -6.60 19.46 -0.02
C VAL B 113 -5.30 19.58 -0.79
N LYS B 114 -4.71 18.44 -1.11
CA LYS B 114 -3.32 18.39 -1.54
C LYS B 114 -3.04 17.03 -2.19
N ILE B 115 -2.31 17.02 -3.31
CA ILE B 115 -1.85 15.75 -3.90
C ILE B 115 -0.36 15.62 -3.68
N ASP B 116 0.10 14.38 -3.51
CA ASP B 116 1.54 14.04 -3.41
C ASP B 116 1.80 13.03 -4.53
N GLU B 117 2.16 13.55 -5.69
CA GLU B 117 2.29 12.61 -6.77
C GLU B 117 3.51 11.73 -6.62
N SER B 118 4.49 12.16 -5.82
CA SER B 118 5.65 11.34 -5.55
C SER B 118 5.28 10.02 -4.89
N LYS B 119 4.30 10.03 -4.02
CA LYS B 119 3.89 8.83 -3.32
C LYS B 119 2.55 8.31 -3.85
N ASP B 120 2.02 9.00 -4.85
CA ASP B 120 0.69 8.71 -5.40
C ASP B 120 -0.42 8.69 -4.31
N GLU B 121 -0.41 9.70 -3.45
CA GLU B 121 -1.39 9.84 -2.37
C GLU B 121 -2.08 11.16 -2.50
N VAL B 122 -3.27 11.20 -1.92
CA VAL B 122 -4.06 12.45 -1.91
C VAL B 122 -4.55 12.78 -0.49
N VAL B 123 -4.39 14.05 -0.06
CA VAL B 123 -4.85 14.45 1.27
C VAL B 123 -6.23 15.03 1.03
N VAL B 124 -7.21 14.60 1.81
CA VAL B 124 -8.61 14.99 1.59
C VAL B 124 -9.31 15.44 2.91
N GLN B 125 -10.37 16.27 2.77
CA GLN B 125 -11.24 16.65 3.91
C GLN B 125 -12.62 16.11 3.62
N PHE B 126 -13.13 15.30 4.52
CA PHE B 126 -14.46 14.78 4.21
C PHE B 126 -15.58 15.85 4.32
N ILE B 127 -16.56 15.73 3.39
CA ILE B 127 -17.71 16.64 3.26
C ILE B 127 -18.65 16.66 4.47
N ASP B 128 -18.97 15.48 4.98
CA ASP B 128 -19.91 15.35 6.11
C ASP B 128 -19.31 15.62 7.52
N ALA B 129 -17.99 15.79 7.60
CA ALA B 129 -17.31 15.85 8.90
C ALA B 129 -17.54 17.15 9.63
N ILE B 130 -17.82 17.07 10.93
CA ILE B 130 -17.97 18.25 11.76
C ILE B 130 -16.59 18.85 11.97
N VAL B 131 -15.62 17.99 12.36
CA VAL B 131 -14.23 18.38 12.48
C VAL B 131 -13.42 18.02 11.20
N PRO B 132 -12.95 19.06 10.46
CA PRO B 132 -12.39 18.83 9.12
C PRO B 132 -10.94 18.37 9.26
N ILE B 133 -10.72 17.09 9.51
CA ILE B 133 -9.36 16.62 9.70
C ILE B 133 -8.78 16.12 8.34
N PRO B 134 -7.53 16.47 8.03
CA PRO B 134 -6.98 16.02 6.74
C PRO B 134 -6.67 14.50 6.77
N VAL B 135 -7.28 13.76 5.84
CA VAL B 135 -7.01 12.32 5.71
C VAL B 135 -6.24 12.07 4.37
N THR B 136 -5.09 11.39 4.46
CA THR B 136 -4.31 11.03 3.24
C THR B 136 -4.64 9.58 2.86
N ILE B 137 -5.21 9.42 1.67
CA ILE B 137 -5.62 8.16 1.09
C ILE B 137 -4.78 7.84 -0.21
N LYS B 138 -4.61 6.54 -0.50
CA LYS B 138 -3.92 6.09 -1.71
C LYS B 138 -4.68 6.56 -2.91
N GLY B 139 -3.92 6.97 -3.91
CA GLY B 139 -4.49 7.56 -5.11
C GLY B 139 -5.48 6.65 -5.82
N ASP B 140 -5.26 5.34 -5.73
CA ASP B 140 -6.19 4.36 -6.32
C ASP B 140 -7.58 4.31 -5.63
N TYR B 141 -7.67 4.82 -4.41
CA TYR B 141 -8.93 4.61 -3.70
C TYR B 141 -9.88 5.75 -3.97
N VAL B 142 -9.55 6.73 -4.81
CA VAL B 142 -10.47 7.84 -5.04
C VAL B 142 -10.88 7.94 -6.52
N ARG B 143 -12.04 8.53 -6.74
CA ARG B 143 -12.39 8.91 -8.09
C ARG B 143 -12.92 10.34 -8.16
N LEU B 144 -12.50 11.11 -9.18
CA LEU B 144 -12.97 12.49 -9.33
C LEU B 144 -14.47 12.51 -9.58
N ILE B 145 -15.22 13.29 -8.81
CA ILE B 145 -16.60 13.61 -9.14
C ILE B 145 -16.72 15.00 -9.81
N SER B 146 -16.16 16.05 -9.18
CA SER B 146 -16.18 17.41 -9.72
C SER B 146 -14.89 18.18 -9.63
N LYS B 147 -14.46 18.72 -10.77
CA LYS B 147 -13.42 19.75 -10.79
C LYS B 147 -13.94 21.01 -10.10
N LEU B 148 -13.00 21.74 -9.47
CA LEU B 148 -13.30 23.09 -9.05
C LEU B 148 -12.92 24.06 -10.16
N SER C 22 12.49 -2.43 18.95
CA SER C 22 11.73 -2.39 17.64
C SER C 22 10.30 -2.85 17.90
N GLU C 23 9.37 -1.90 17.89
CA GLU C 23 7.94 -2.13 18.09
C GLU C 23 7.37 -3.15 17.04
N LYS C 24 6.95 -4.33 17.49
CA LYS C 24 6.28 -5.29 16.64
C LYS C 24 4.87 -5.40 17.15
N ALA C 25 3.89 -5.62 16.25
CA ALA C 25 2.51 -5.76 16.66
C ALA C 25 2.10 -7.23 16.63
N CYS C 26 1.47 -7.70 17.68
CA CYS C 26 0.94 -9.03 17.66
C CYS C 26 -0.28 -9.26 16.67
N ARG C 27 -0.27 -10.31 15.82
CA ARG C 27 -1.38 -10.42 14.81
C ARG C 27 -2.66 -10.93 15.43
N HIS C 28 -2.52 -11.56 16.59
CA HIS C 28 -3.62 -12.19 17.30
C HIS C 28 -4.41 -11.14 18.08
N CYS C 29 -3.71 -10.30 18.87
CA CYS C 29 -4.45 -9.32 19.70
C CYS C 29 -4.07 -7.81 19.52
N HIS C 30 -3.06 -7.54 18.71
CA HIS C 30 -2.82 -6.20 18.26
C HIS C 30 -1.88 -5.35 19.18
N TYR C 31 -1.48 -5.96 20.28
CA TYR C 31 -0.59 -5.33 21.25
C TYR C 31 0.84 -5.20 20.71
N ILE C 32 1.51 -4.07 21.06
CA ILE C 32 2.77 -3.70 20.48
C ILE C 32 3.77 -4.00 21.53
N THR C 33 4.88 -4.58 21.13
CA THR C 33 5.89 -5.08 22.07
C THR C 33 7.23 -5.05 21.43
N SER C 34 8.30 -4.95 22.23
CA SER C 34 9.64 -5.11 21.68
C SER C 34 10.24 -6.50 22.01
N GLU C 35 9.46 -7.35 22.66
CA GLU C 35 9.86 -8.71 22.96
C GLU C 35 9.64 -9.65 21.75
N ASP C 36 10.06 -10.90 21.93
CA ASP C 36 10.00 -11.89 20.91
C ASP C 36 8.70 -12.71 21.03
N ARG C 37 7.98 -12.50 22.14
CA ARG C 37 6.64 -13.11 22.42
C ARG C 37 5.69 -12.03 22.91
N CYS C 38 4.46 -11.99 22.39
CA CYS C 38 3.45 -11.06 22.89
C CYS C 38 3.26 -11.19 24.41
N PRO C 39 3.37 -10.08 25.19
CA PRO C 39 3.27 -10.29 26.65
C PRO C 39 1.83 -10.44 27.17
N VAL C 40 0.84 -10.22 26.30
CA VAL C 40 -0.58 -10.29 26.61
C VAL C 40 -1.19 -11.70 26.29
N CYS C 41 -0.99 -12.18 25.05
CA CYS C 41 -1.58 -13.44 24.64
C CYS C 41 -0.55 -14.59 24.50
N GLY C 42 0.75 -14.34 24.61
CA GLY C 42 1.74 -15.41 24.36
C GLY C 42 2.18 -15.69 22.92
N SER C 43 1.45 -15.16 21.93
CA SER C 43 1.80 -15.42 20.56
C SER C 43 3.18 -14.94 20.14
N ARG C 44 3.72 -15.61 19.08
CA ARG C 44 4.98 -15.26 18.45
C ARG C 44 4.75 -14.67 17.08
N ASP C 45 3.48 -14.64 16.64
CA ASP C 45 3.17 -14.08 15.35
C ASP C 45 3.18 -12.55 15.49
N LEU C 46 4.37 -11.97 15.59
CA LEU C 46 4.55 -10.53 15.69
C LEU C 46 5.05 -9.97 14.37
N SER C 47 4.52 -8.80 13.98
CA SER C 47 4.90 -8.20 12.72
C SER C 47 5.53 -6.82 12.92
N GLU C 48 6.58 -6.59 12.18
CA GLU C 48 7.25 -5.31 12.20
C GLU C 48 6.46 -4.33 11.34
N GLU C 49 5.41 -4.79 10.66
CA GLU C 49 4.71 -4.01 9.67
C GLU C 49 3.28 -3.83 10.19
N TRP C 50 2.99 -2.60 10.64
CA TRP C 50 1.69 -2.30 11.26
C TRP C 50 1.42 -0.80 11.14
N PHE C 51 0.12 -0.46 11.18
CA PHE C 51 -0.36 0.89 11.06
C PHE C 51 -1.34 1.28 12.17
N ASP C 52 -1.42 2.57 12.45
CA ASP C 52 -2.42 3.22 13.35
C ASP C 52 -2.15 2.91 14.79
N LEU C 53 -1.40 3.76 15.46
CA LEU C 53 -1.08 3.49 16.85
C LEU C 53 -2.27 3.98 17.69
N VAL C 54 -2.64 3.15 18.63
CA VAL C 54 -3.61 3.48 19.68
C VAL C 54 -2.97 3.18 20.99
N ILE C 55 -3.12 4.10 21.92
CA ILE C 55 -2.72 3.86 23.27
C ILE C 55 -3.94 3.78 24.16
N ILE C 56 -4.08 2.67 24.83
CA ILE C 56 -5.16 2.57 25.80
C ILE C 56 -4.64 2.76 27.22
N VAL C 57 -5.14 3.79 27.88
CA VAL C 57 -4.73 4.17 29.27
C VAL C 57 -5.67 3.56 30.27
N ASP C 58 -6.98 3.70 30.05
CA ASP C 58 -8.00 3.36 30.99
C ASP C 58 -9.03 2.47 30.30
N VAL C 59 -8.90 1.15 30.51
CA VAL C 59 -9.76 0.18 29.82
C VAL C 59 -11.22 0.38 30.15
N GLU C 60 -11.57 0.53 31.42
CA GLU C 60 -13.00 0.56 31.75
C GLU C 60 -13.70 1.83 31.28
N ASN C 61 -12.99 2.97 31.25
CA ASN C 61 -13.55 4.25 30.76
C ASN C 61 -13.45 4.60 29.28
N SER C 62 -12.62 3.88 28.52
CA SER C 62 -12.34 4.18 27.12
C SER C 62 -13.29 3.53 26.14
N GLU C 63 -13.99 4.33 25.37
CA GLU C 63 -14.81 3.87 24.27
C GLU C 63 -13.93 3.35 23.10
N ILE C 64 -12.78 3.99 22.89
CA ILE C 64 -11.86 3.47 21.88
C ILE C 64 -11.57 2.01 22.22
N ALA C 65 -11.23 1.73 23.48
CA ALA C 65 -10.84 0.38 23.88
C ALA C 65 -12.04 -0.56 23.66
N LYS C 66 -13.22 -0.14 24.11
CA LYS C 66 -14.45 -0.86 23.88
C LYS C 66 -14.61 -1.27 22.43
N LYS C 67 -14.49 -0.33 21.48
CA LYS C 67 -14.69 -0.61 20.04
C LYS C 67 -13.73 -1.68 19.56
N ILE C 68 -12.44 -1.50 19.86
CA ILE C 68 -11.39 -2.42 19.42
C ILE C 68 -11.27 -3.70 20.27
N GLY C 69 -11.98 -3.80 21.39
CA GLY C 69 -11.81 -4.99 22.23
C GLY C 69 -10.50 -5.03 22.99
N ALA C 70 -9.88 -3.88 23.30
CA ALA C 70 -8.69 -3.86 24.17
C ALA C 70 -8.96 -4.17 25.65
N LYS C 71 -8.18 -5.06 26.23
CA LYS C 71 -8.56 -5.53 27.55
C LYS C 71 -7.50 -5.15 28.52
N VAL C 72 -6.34 -4.79 27.95
CA VAL C 72 -5.17 -4.42 28.72
C VAL C 72 -4.67 -3.01 28.27
N PRO C 73 -4.33 -2.16 29.24
CA PRO C 73 -3.68 -0.87 28.97
C PRO C 73 -2.33 -1.05 28.25
N GLY C 74 -2.08 -0.16 27.30
CA GLY C 74 -0.82 -0.11 26.58
C GLY C 74 -1.00 0.22 25.11
N LYS C 75 0.02 -0.13 24.34
CA LYS C 75 0.06 0.25 22.92
C LYS C 75 -0.49 -0.90 22.03
N TYR C 76 -1.30 -0.53 21.03
CA TYR C 76 -1.89 -1.48 20.06
C TYR C 76 -1.77 -0.93 18.66
N ALA C 77 -1.76 -1.81 17.64
CA ALA C 77 -1.79 -1.31 16.29
C ALA C 77 -3.19 -1.68 15.75
N ILE C 78 -3.82 -0.83 14.98
CA ILE C 78 -5.14 -1.19 14.44
C ILE C 78 -4.94 -2.18 13.23
N ARG C 79 -4.15 -1.81 12.24
CA ARG C 79 -3.83 -2.74 11.12
C ARG C 79 -2.45 -3.40 11.26
N VAL C 80 -2.45 -4.72 11.36
CA VAL C 80 -1.19 -5.42 11.39
C VAL C 80 -1.11 -6.15 10.03
N ARG C 81 0.01 -5.95 9.35
CA ARG C 81 0.19 -6.44 8.01
C ARG C 81 1.52 -7.18 7.96
N ALA D 2 -17.16 6.66 26.58
CA ALA D 2 -17.13 7.12 27.97
C ALA D 2 -16.36 8.44 28.11
N GLY D 3 -15.28 8.66 27.35
CA GLY D 3 -14.69 10.02 27.26
C GLY D 3 -15.21 10.82 26.07
N LYS D 4 -14.83 12.09 25.95
CA LYS D 4 -15.03 12.82 24.69
C LYS D 4 -13.74 12.70 23.80
N ILE D 5 -13.87 12.96 22.50
CA ILE D 5 -12.73 12.94 21.57
C ILE D 5 -12.32 14.32 21.14
N PHE D 6 -11.08 14.65 21.39
CA PHE D 6 -10.45 15.91 20.99
C PHE D 6 -9.25 15.71 20.03
N ALA D 7 -9.10 16.64 19.06
CA ALA D 7 -7.97 16.71 18.11
C ALA D 7 -6.85 17.61 18.63
N VAL D 8 -5.61 17.15 18.58
CA VAL D 8 -4.47 17.84 19.13
C VAL D 8 -3.59 17.99 17.93
N ARG D 9 -3.21 19.23 17.63
CA ARG D 9 -2.34 19.53 16.52
C ARG D 9 -0.98 19.09 16.91
N VAL D 10 -0.26 18.59 15.91
CA VAL D 10 1.09 18.07 16.12
C VAL D 10 1.99 18.41 14.89
N THR D 11 3.30 18.58 15.11
CA THR D 11 4.26 18.70 14.03
C THR D 11 4.14 17.51 13.10
N HIS D 12 3.98 17.81 11.81
CA HIS D 12 3.86 16.79 10.78
C HIS D 12 4.95 15.75 10.94
N GLY D 13 4.57 14.48 11.05
CA GLY D 13 5.58 13.43 11.22
C GLY D 13 5.97 13.13 12.65
N GLN D 14 5.39 13.84 13.62
CA GLN D 14 5.74 13.54 15.00
C GLN D 14 4.53 12.95 15.74
N GLU D 15 3.55 12.50 14.97
CA GLU D 15 2.28 12.04 15.56
C GLU D 15 2.47 10.95 16.62
N GLU D 16 3.16 9.87 16.23
CA GLU D 16 3.40 8.76 17.12
C GLU D 16 4.27 9.09 18.32
N THR D 17 5.35 9.83 18.05
CA THR D 17 6.26 10.31 19.04
C THR D 17 5.58 11.12 20.12
N THR D 18 4.72 12.02 19.69
CA THR D 18 4.03 12.89 20.57
C THR D 18 2.95 12.14 21.33
N ALA D 19 2.30 11.16 20.70
CA ALA D 19 1.31 10.34 21.40
C ALA D 19 2.00 9.65 22.59
N LYS D 20 3.22 9.19 22.34
CA LYS D 20 4.00 8.49 23.38
C LYS D 20 4.48 9.37 24.53
N LEU D 21 5.00 10.57 24.24
CA LEU D 21 5.35 11.56 25.29
C LEU D 21 4.08 12.05 26.07
N ILE D 22 2.93 12.26 25.43
CA ILE D 22 1.74 12.45 26.24
C ILE D 22 1.44 11.27 27.21
N TYR D 23 1.44 10.06 26.66
CA TYR D 23 1.26 8.89 27.48
C TYR D 23 2.19 8.83 28.72
N SER D 24 3.46 9.13 28.53
CA SER D 24 4.43 9.07 29.60
C SER D 24 4.00 10.10 30.66
N LYS D 25 3.64 11.29 30.23
CA LYS D 25 3.21 12.33 31.16
C LYS D 25 1.91 11.92 31.84
N VAL D 26 0.93 11.43 31.05
CA VAL D 26 -0.32 10.95 31.63
C VAL D 26 -0.07 9.92 32.76
N ARG D 27 0.91 9.02 32.57
CA ARG D 27 1.13 7.99 33.58
C ARG D 27 1.84 8.55 34.81
N THR D 28 2.86 9.37 34.59
CA THR D 28 3.54 9.98 35.71
C THR D 28 2.64 10.91 36.59
N TYR D 29 1.71 11.68 36.03
CA TYR D 29 0.81 12.53 36.83
C TYR D 29 -0.57 11.93 37.09
N ASN D 30 -0.75 10.67 36.68
CA ASN D 30 -2.10 10.03 36.78
C ASN D 30 -3.21 10.87 36.15
N LEU D 31 -2.92 11.46 35.00
CA LEU D 31 -3.89 12.32 34.32
C LEU D 31 -5.15 11.59 33.79
N PRO D 32 -6.34 12.20 33.90
CA PRO D 32 -7.48 11.42 33.45
C PRO D 32 -7.70 11.37 31.91
N ILE D 33 -6.71 10.84 31.20
CA ILE D 33 -6.80 10.64 29.76
C ILE D 33 -7.10 9.11 29.59
N TYR D 34 -8.10 8.78 28.79
CA TYR D 34 -8.52 7.37 28.59
C TYR D 34 -7.83 6.66 27.42
N ALA D 35 -7.34 7.39 26.44
CA ALA D 35 -6.76 6.73 25.24
C ALA D 35 -6.28 7.83 24.31
N ILE D 36 -5.38 7.45 23.38
CA ILE D 36 -4.79 8.34 22.42
C ILE D 36 -4.70 7.52 21.12
N LEU D 37 -5.04 8.17 20.01
CA LEU D 37 -5.12 7.54 18.68
C LEU D 37 -4.33 8.40 17.69
N ALA D 38 -3.32 7.78 17.06
CA ALA D 38 -2.51 8.36 16.02
C ALA D 38 -2.61 7.50 14.73
N PRO D 39 -3.66 7.69 13.95
CA PRO D 39 -3.79 6.96 12.67
C PRO D 39 -2.77 7.33 11.63
N SER D 40 -2.30 6.31 10.92
CA SER D 40 -1.23 6.52 9.91
C SER D 40 -1.78 7.34 8.76
N ARG D 41 -3.10 7.31 8.55
CA ARG D 41 -3.61 8.17 7.49
C ARG D 41 -3.84 9.67 7.81
N VAL D 42 -3.41 10.14 9.00
CA VAL D 42 -3.66 11.46 9.54
C VAL D 42 -2.33 12.10 9.93
N LYS D 43 -1.96 13.11 9.17
CA LYS D 43 -0.70 13.76 9.42
C LYS D 43 -1.09 15.07 10.02
N GLY D 44 -0.36 15.45 11.06
CA GLY D 44 -0.47 16.78 11.69
C GLY D 44 -1.50 16.88 12.81
N TYR D 45 -2.12 15.75 13.16
CA TYR D 45 -3.14 15.66 14.23
C TYR D 45 -3.11 14.28 14.87
N ILE D 46 -3.32 14.26 16.18
CA ILE D 46 -3.69 12.99 16.84
C ILE D 46 -5.00 13.26 17.59
N PHE D 47 -5.56 12.22 18.21
CA PHE D 47 -6.80 12.37 18.92
C PHE D 47 -6.61 11.87 20.34
N VAL D 48 -7.33 12.50 21.30
CA VAL D 48 -7.21 12.11 22.71
C VAL D 48 -8.55 11.84 23.26
N GLU D 49 -8.69 10.73 23.98
CA GLU D 49 -9.97 10.49 24.60
C GLU D 49 -9.89 10.92 26.07
N ALA D 50 -10.71 11.90 26.42
CA ALA D 50 -10.72 12.52 27.75
C ALA D 50 -12.16 12.99 28.22
N PRO D 51 -12.39 13.13 29.55
CA PRO D 51 -13.69 13.62 30.08
C PRO D 51 -14.00 15.04 29.62
N ASN D 52 -12.98 15.89 29.52
CA ASN D 52 -13.17 17.28 29.03
C ASN D 52 -11.89 17.85 28.41
N LYS D 53 -12.01 19.04 27.80
CA LYS D 53 -10.90 19.64 27.06
C LYS D 53 -9.72 20.07 27.91
N GLY D 54 -9.97 20.63 29.10
CA GLY D 54 -8.93 21.28 29.87
C GLY D 54 -7.97 20.21 30.33
N VAL D 55 -8.53 19.03 30.57
CA VAL D 55 -7.65 17.89 30.92
C VAL D 55 -6.60 17.52 29.80
N VAL D 56 -7.03 17.62 28.54
CA VAL D 56 -6.10 17.45 27.38
C VAL D 56 -5.01 18.59 27.35
N ASP D 57 -5.44 19.82 27.65
CA ASP D 57 -4.57 20.99 27.56
C ASP D 57 -3.39 20.79 28.49
N GLU D 58 -3.72 20.25 29.66
CA GLU D 58 -2.81 19.97 30.75
C GLU D 58 -1.83 18.87 30.40
N ALA D 59 -2.37 17.80 29.84
CA ALA D 59 -1.60 16.61 29.47
C ALA D 59 -0.58 16.90 28.38
N ILE D 60 -0.87 17.89 27.52
CA ILE D 60 0.09 18.26 26.47
C ILE D 60 1.03 19.44 26.80
N ARG D 61 0.87 20.09 27.97
CA ARG D 61 1.78 21.17 28.37
C ARG D 61 3.19 20.65 28.56
N GLY D 62 4.15 21.36 27.98
CA GLY D 62 5.53 20.99 28.07
C GLY D 62 5.83 19.86 27.14
N ILE D 63 4.87 19.51 26.29
CA ILE D 63 5.14 18.48 25.28
C ILE D 63 5.50 19.20 23.98
N ARG D 64 6.77 19.12 23.59
CA ARG D 64 7.11 19.64 22.29
C ARG D 64 6.54 18.78 21.15
N HIS D 65 6.08 19.52 20.15
CA HIS D 65 5.45 19.02 18.93
C HIS D 65 3.97 18.96 19.11
N ALA D 66 3.47 19.01 20.36
CA ALA D 66 2.02 19.20 20.54
C ALA D 66 1.69 20.69 20.42
N ARG D 67 0.75 21.03 19.54
CA ARG D 67 0.61 22.39 19.11
C ARG D 67 -0.78 22.93 19.35
N GLY D 68 -1.44 22.44 20.40
CA GLY D 68 -2.74 22.90 20.84
C GLY D 68 -3.81 21.88 20.54
N VAL D 69 -4.98 22.07 21.17
CA VAL D 69 -6.16 21.20 21.10
C VAL D 69 -7.20 21.93 20.32
N LEU D 70 -7.90 21.27 19.39
CA LEU D 70 -8.90 21.96 18.57
C LEU D 70 -10.07 22.22 19.48
N PRO D 71 -10.69 23.42 19.32
CA PRO D 71 -11.90 23.61 20.09
C PRO D 71 -12.94 22.93 19.23
N GLY D 72 -13.88 22.24 19.82
CA GLY D 72 -14.77 21.50 18.97
C GLY D 72 -14.44 20.05 19.16
N GLU D 73 -15.41 19.35 19.69
CA GLU D 73 -15.24 17.99 20.05
C GLU D 73 -15.50 17.16 18.78
N VAL D 74 -14.76 16.06 18.64
CA VAL D 74 -14.89 15.20 17.44
C VAL D 74 -15.91 14.09 17.72
N PRO D 75 -17.01 14.00 16.91
CA PRO D 75 -17.99 12.96 17.09
C PRO D 75 -17.29 11.62 17.07
N PHE D 76 -17.60 10.74 18.01
CA PHE D 76 -17.02 9.39 17.94
C PHE D 76 -17.17 8.78 16.54
N LYS D 77 -18.33 9.02 15.90
CA LYS D 77 -18.55 8.51 14.53
C LYS D 77 -17.42 8.93 13.55
N GLU D 78 -16.81 10.08 13.78
CA GLU D 78 -15.70 10.54 12.92
C GLU D 78 -14.35 9.86 13.20
N ILE D 79 -14.28 9.01 14.21
CA ILE D 79 -13.05 8.26 14.37
C ILE D 79 -13.20 6.78 14.13
N GLU D 80 -14.43 6.31 13.92
CA GLU D 80 -14.68 4.88 13.79
C GLU D 80 -13.91 4.21 12.64
N HIS D 81 -13.85 4.88 11.52
CA HIS D 81 -13.12 4.38 10.37
C HIS D 81 -11.61 4.35 10.55
N PHE D 82 -11.15 4.71 11.74
CA PHE D 82 -9.75 4.57 11.98
C PHE D 82 -9.53 3.32 12.83
N LEU D 83 -10.59 2.60 13.19
CA LEU D 83 -10.51 1.66 14.35
C LEU D 83 -10.80 0.22 13.95
N GLU D 84 -11.00 0.02 12.65
CA GLU D 84 -11.26 -1.35 12.07
C GLU D 84 -10.03 -2.30 11.90
N GLU D 85 -10.02 -3.34 12.73
CA GLU D 85 -8.90 -4.25 12.85
C GLU D 85 -8.93 -5.40 11.82
N LYS D 86 -10.11 -5.68 11.24
CA LYS D 86 -10.25 -6.86 10.42
C LYS D 86 -9.76 -6.68 8.98
N PRO D 87 -8.94 -7.63 8.48
CA PRO D 87 -8.47 -7.51 7.10
C PRO D 87 -9.66 -7.50 6.17
N ALA D 88 -9.53 -6.71 5.13
CA ALA D 88 -10.54 -6.71 4.13
C ALA D 88 -10.68 -8.06 3.40
N VAL D 89 -9.64 -8.92 3.42
CA VAL D 89 -9.74 -10.24 2.79
C VAL D 89 -10.64 -11.18 3.63
N SER D 90 -11.00 -10.75 4.84
CA SER D 90 -11.69 -11.62 5.81
C SER D 90 -12.89 -12.26 5.16
N GLY D 91 -12.96 -13.58 5.23
CA GLY D 91 -14.16 -14.25 4.77
C GLY D 91 -14.15 -14.72 3.33
N LEU D 92 -13.12 -14.33 2.56
CA LEU D 92 -12.99 -14.82 1.20
C LEU D 92 -12.33 -16.20 1.20
N GLU D 93 -12.81 -17.05 0.29
CA GLU D 93 -12.33 -18.41 0.10
C GLU D 93 -12.01 -18.78 -1.35
N PRO D 94 -11.17 -19.82 -1.53
CA PRO D 94 -10.86 -20.36 -2.86
C PRO D 94 -12.11 -20.74 -3.65
N GLY D 95 -12.13 -20.28 -4.88
CA GLY D 95 -13.32 -20.41 -5.69
C GLY D 95 -14.32 -19.27 -5.54
N ASP D 96 -14.18 -18.37 -4.56
CA ASP D 96 -15.10 -17.24 -4.52
C ASP D 96 -14.91 -16.32 -5.76
N LEU D 97 -15.99 -15.72 -6.26
CA LEU D 97 -15.95 -14.72 -7.37
C LEU D 97 -15.95 -13.32 -6.83
N VAL D 98 -14.96 -12.53 -7.23
CA VAL D 98 -14.87 -11.15 -6.78
C VAL D 98 -14.79 -10.24 -7.96
N GLU D 99 -15.11 -8.98 -7.70
CA GLU D 99 -14.79 -7.93 -8.65
C GLU D 99 -13.69 -7.02 -8.11
N VAL D 100 -12.80 -6.58 -8.99
CA VAL D 100 -11.84 -5.59 -8.59
C VAL D 100 -12.47 -4.21 -8.68
N ILE D 101 -12.35 -3.43 -7.60
CA ILE D 101 -13.11 -2.15 -7.62
C ILE D 101 -12.31 -0.87 -7.72
N ALA D 102 -11.00 -0.97 -7.94
CA ALA D 102 -10.13 0.19 -7.85
C ALA D 102 -8.80 -0.22 -8.49
N GLY D 103 -8.05 0.77 -8.93
CA GLY D 103 -6.75 0.50 -9.49
C GLY D 103 -6.77 0.01 -10.94
N PRO D 104 -5.64 -0.51 -11.43
CA PRO D 104 -5.53 -0.87 -12.85
C PRO D 104 -6.53 -1.96 -13.28
N PHE D 105 -7.02 -2.79 -12.36
CA PHE D 105 -7.88 -3.90 -12.76
C PHE D 105 -9.35 -3.64 -12.53
N LYS D 106 -9.63 -2.40 -12.20
CA LYS D 106 -10.98 -1.94 -11.90
C LYS D 106 -12.00 -2.51 -12.93
N GLY D 107 -13.15 -3.02 -12.47
CA GLY D 107 -14.21 -3.53 -13.35
C GLY D 107 -14.03 -5.00 -13.77
N GLN D 108 -12.86 -5.56 -13.51
CA GLN D 108 -12.59 -6.96 -13.87
C GLN D 108 -12.98 -7.92 -12.78
N LYS D 109 -13.64 -9.03 -13.19
CA LYS D 109 -14.07 -10.10 -12.28
C LYS D 109 -12.99 -11.13 -12.25
N ALA D 110 -12.83 -11.79 -11.08
CA ALA D 110 -11.78 -12.76 -10.87
C ALA D 110 -12.22 -13.81 -9.89
N LYS D 111 -11.68 -15.01 -9.94
CA LYS D 111 -11.98 -15.91 -8.88
C LYS D 111 -10.79 -16.01 -7.94
N VAL D 112 -11.09 -16.21 -6.66
CA VAL D 112 -10.06 -16.29 -5.66
C VAL D 112 -9.24 -17.60 -5.71
N VAL D 113 -7.92 -17.47 -5.70
CA VAL D 113 -7.01 -18.61 -5.62
C VAL D 113 -6.65 -18.85 -4.21
N LYS D 114 -6.34 -17.77 -3.50
CA LYS D 114 -5.78 -17.90 -2.14
C LYS D 114 -5.83 -16.59 -1.41
N ILE D 115 -6.06 -16.59 -0.08
CA ILE D 115 -5.87 -15.34 0.69
C ILE D 115 -4.65 -15.35 1.57
N ASP D 116 -4.14 -14.16 1.88
CA ASP D 116 -3.15 -14.05 2.92
C ASP D 116 -3.70 -12.97 3.86
N GLU D 117 -4.45 -13.36 4.88
CA GLU D 117 -4.81 -12.35 5.89
C GLU D 117 -3.67 -11.62 6.58
N SER D 118 -2.54 -12.31 6.78
CA SER D 118 -1.32 -11.78 7.38
C SER D 118 -0.96 -10.44 6.78
N LYS D 119 -1.15 -10.32 5.47
CA LYS D 119 -0.77 -9.12 4.73
C LYS D 119 -2.02 -8.45 4.18
N ASP D 120 -3.18 -9.04 4.46
CA ASP D 120 -4.39 -8.49 3.82
C ASP D 120 -4.33 -8.50 2.29
N GLU D 121 -3.94 -9.63 1.71
CA GLU D 121 -3.82 -9.70 0.22
C GLU D 121 -4.62 -10.93 -0.25
N VAL D 122 -5.03 -10.86 -1.51
CA VAL D 122 -5.75 -11.93 -2.11
C VAL D 122 -5.11 -12.28 -3.48
N VAL D 123 -5.04 -13.58 -3.78
CA VAL D 123 -4.46 -14.02 -5.09
C VAL D 123 -5.65 -14.41 -5.95
N VAL D 124 -5.73 -13.77 -7.11
CA VAL D 124 -6.85 -14.04 -8.02
C VAL D 124 -6.44 -14.43 -9.47
N GLN D 125 -7.42 -14.98 -10.21
CA GLN D 125 -7.18 -15.29 -11.61
C GLN D 125 -8.40 -14.74 -12.37
N PHE D 126 -8.13 -13.83 -13.27
CA PHE D 126 -9.23 -13.12 -13.92
C PHE D 126 -10.10 -14.06 -14.85
N ILE D 127 -11.42 -14.00 -14.72
CA ILE D 127 -12.21 -14.96 -15.47
C ILE D 127 -12.11 -14.75 -16.98
N ASP D 128 -11.91 -13.52 -17.45
CA ASP D 128 -11.79 -13.31 -18.87
C ASP D 128 -10.40 -13.50 -19.42
N ALA D 129 -9.43 -14.06 -18.67
CA ALA D 129 -8.07 -14.13 -19.20
C ALA D 129 -7.81 -15.32 -20.06
N ILE D 130 -7.06 -15.13 -21.13
CA ILE D 130 -6.62 -16.25 -21.96
C ILE D 130 -5.58 -17.08 -21.23
N VAL D 131 -4.57 -16.43 -20.68
CA VAL D 131 -3.57 -17.17 -19.86
C VAL D 131 -3.85 -16.81 -18.35
N PRO D 132 -4.19 -17.82 -17.50
CA PRO D 132 -4.71 -17.49 -16.16
C PRO D 132 -3.58 -17.19 -15.14
N ILE D 133 -2.88 -16.06 -15.26
CA ILE D 133 -1.75 -15.79 -14.39
C ILE D 133 -2.27 -15.36 -12.96
N PRO D 134 -1.74 -15.92 -11.84
CA PRO D 134 -2.22 -15.43 -10.58
C PRO D 134 -1.74 -14.03 -10.29
N VAL D 135 -2.66 -13.16 -9.91
CA VAL D 135 -2.29 -11.78 -9.58
C VAL D 135 -2.63 -11.50 -8.10
N THR D 136 -1.66 -10.95 -7.37
CA THR D 136 -1.88 -10.74 -5.95
C THR D 136 -2.23 -9.28 -5.77
N ILE D 137 -3.40 -8.99 -5.23
CA ILE D 137 -3.71 -7.59 -4.91
C ILE D 137 -4.16 -7.36 -3.45
N LYS D 138 -4.04 -6.14 -2.95
CA LYS D 138 -4.50 -5.82 -1.59
C LYS D 138 -6.00 -6.03 -1.43
N GLY D 139 -6.36 -6.52 -0.26
CA GLY D 139 -7.71 -6.83 0.11
C GLY D 139 -8.68 -5.72 -0.11
N ASP D 140 -8.31 -4.46 0.09
CA ASP D 140 -9.34 -3.40 -0.12
C ASP D 140 -9.76 -3.26 -1.56
N TYR D 141 -8.98 -3.80 -2.49
CA TYR D 141 -9.25 -3.57 -3.90
C TYR D 141 -10.41 -4.43 -4.44
N VAL D 142 -10.88 -5.41 -3.69
CA VAL D 142 -11.92 -6.32 -4.22
C VAL D 142 -13.27 -6.24 -3.45
N ARG D 143 -14.37 -6.61 -4.10
CA ARG D 143 -15.56 -6.90 -3.32
C ARG D 143 -16.11 -8.22 -3.79
N LEU D 144 -16.76 -8.93 -2.88
CA LEU D 144 -17.42 -10.20 -3.19
C LEU D 144 -18.70 -10.07 -4.06
N ILE D 145 -18.77 -10.88 -5.10
CA ILE D 145 -19.93 -11.05 -5.97
C ILE D 145 -20.64 -12.36 -5.60
N SER D 146 -19.90 -13.43 -5.52
CA SER D 146 -20.55 -14.74 -5.44
C SER D 146 -19.66 -15.71 -4.67
N LYS D 147 -20.21 -16.24 -3.57
CA LYS D 147 -19.61 -17.37 -2.85
C LYS D 147 -19.52 -18.59 -3.77
N LEU D 148 -18.62 -19.54 -3.47
CA LEU D 148 -18.53 -20.79 -4.22
C LEU D 148 -19.59 -21.82 -3.75
#